data_5YR6
#
_entry.id   5YR6
#
_cell.length_a   47.439
_cell.length_b   77.325
_cell.length_c   47.759
_cell.angle_alpha   90.000
_cell.angle_beta   91.700
_cell.angle_gamma   90.000
#
_symmetry.space_group_name_H-M   'P 1 21 1'
#
loop_
_entity.id
_entity.type
_entity.pdbx_description
1 polymer 'Methionine aminopeptidase 1'
2 non-polymer 'COBALT (II) ION'
3 non-polymer 'SODIUM ION'
4 non-polymer '(1R,2S,3S,4R)-4-hydroxy-2-methoxy-4-methyl-3-[(2R,3R)-2-methyl-3-(3-methylbut-2-en-1-yl)oxiran-2-yl]cyclohexyl (chloroacetyl)carbamate'
5 water water
#
_entity_poly.entity_id   1
_entity_poly.type   'polypeptide(L)'
_entity_poly.pdbx_seq_one_letter_code
;YRYTGKLRPHYPLMPTRPVPSYIQRPDYADHPLGMSESEQALKGTSQIKLLSSEDIEGMRLVCRLAREVLDVAAGMIKPG
VTTEEIDHAVHLACIARNCYPSPLNYYNFPKSCCTSVNEVICHGIPDRRPLQEGDIVNVDITLYRNGYHGDLNETFFVGE
VDDGARKLVQTTYECLMQAIDAVKPGVRYRELGNIIQKHAQANGFSVVRSYCGHGIHKLLHTAPNVPHYAKNKAVGVMKS
GHVFTIEPMICEGGWQDETWPDGWTAVTRDGKRSAQFEHTLLVTDTGCEILTRRLDSARPHFMS
;
_entity_poly.pdbx_strand_id   A
#
loop_
_chem_comp.id
_chem_comp.type
_chem_comp.name
_chem_comp.formula
CO non-polymer 'COBALT (II) ION' 'Co 2'
NA non-polymer 'SODIUM ION' 'Na 1'
TN4 non-polymer '(1R,2S,3S,4R)-4-hydroxy-2-methoxy-4-methyl-3-[(2R,3R)-2-methyl-3-(3-methylbut-2-en-1-yl)oxiran-2-yl]cyclohexyl (chloroacetyl)carbamate' 'C19 H30 Cl N O6'
#
# COMPACT_ATOMS: atom_id res chain seq x y z
N TYR A 1 16.49 -21.03 5.06
CA TYR A 1 15.21 -20.34 5.43
C TYR A 1 14.05 -21.33 5.43
N ARG A 2 13.28 -21.34 6.53
CA ARG A 2 12.04 -22.13 6.55
C ARG A 2 10.85 -21.24 6.16
N TYR A 3 10.18 -21.58 5.06
CA TYR A 3 8.98 -20.84 4.61
C TYR A 3 7.84 -21.07 5.61
N THR A 4 6.97 -20.07 5.77
CA THR A 4 5.96 -20.13 6.82
C THR A 4 4.69 -20.79 6.28
N GLY A 5 4.57 -20.90 4.96
CA GLY A 5 3.39 -21.34 4.26
C GLY A 5 3.73 -22.13 3.01
N LYS A 6 2.77 -22.19 2.10
CA LYS A 6 2.87 -22.86 0.80
C LYS A 6 3.58 -21.99 -0.25
N LEU A 7 3.50 -20.66 -0.12
CA LEU A 7 4.04 -19.76 -1.17
C LEU A 7 5.57 -19.86 -1.20
N ARG A 8 6.14 -19.81 -2.41
CA ARG A 8 7.58 -19.70 -2.65
C ARG A 8 7.85 -18.60 -3.69
N PRO A 9 9.04 -17.99 -3.68
CA PRO A 9 9.46 -17.09 -4.76
C PRO A 9 9.67 -17.93 -6.03
N HIS A 10 9.42 -17.33 -7.18
CA HIS A 10 9.53 -17.97 -8.46
C HIS A 10 10.49 -17.13 -9.29
N TYR A 11 11.76 -17.51 -9.25
CA TYR A 11 12.86 -16.84 -9.94
C TYR A 11 13.21 -17.61 -11.23
N PRO A 12 14.07 -17.02 -12.07
CA PRO A 12 14.61 -15.67 -11.95
C PRO A 12 13.56 -14.63 -12.33
N LEU A 13 13.84 -13.39 -11.94
CA LEU A 13 13.07 -12.28 -12.37
C LEU A 13 13.55 -11.85 -13.74
N MET A 14 12.60 -11.37 -14.55
CA MET A 14 12.94 -10.72 -15.80
C MET A 14 13.88 -9.55 -15.49
N PRO A 15 14.82 -9.20 -16.40
CA PRO A 15 15.68 -8.05 -16.14
C PRO A 15 14.88 -6.77 -15.78
N THR A 16 15.52 -5.91 -14.96
CA THR A 16 14.94 -4.70 -14.47
C THR A 16 14.38 -3.91 -15.65
N ARG A 17 13.16 -3.36 -15.48
CA ARG A 17 12.53 -2.63 -16.60
C ARG A 17 13.01 -1.17 -16.55
N PRO A 18 13.48 -0.55 -17.68
CA PRO A 18 13.97 0.83 -17.60
C PRO A 18 12.78 1.82 -17.71
N VAL A 19 13.00 3.03 -17.20
CA VAL A 19 12.04 4.10 -17.30
C VAL A 19 12.65 5.17 -18.21
N PRO A 20 11.98 5.49 -19.33
CA PRO A 20 12.51 6.48 -20.28
C PRO A 20 12.94 7.73 -19.52
N SER A 21 14.04 8.35 -19.95
CA SER A 21 14.65 9.46 -19.26
C SER A 21 13.75 10.68 -19.21
N TYR A 22 12.69 10.74 -20.01
CA TYR A 22 11.84 11.93 -20.03
C TYR A 22 10.91 11.96 -18.82
N ILE A 23 10.70 10.79 -18.19
CA ILE A 23 9.94 10.76 -16.93
C ILE A 23 10.85 11.21 -15.79
N GLN A 24 10.35 12.18 -15.01
CA GLN A 24 11.04 12.74 -13.90
C GLN A 24 11.19 11.66 -12.82
N ARG A 25 12.38 11.63 -12.22
CA ARG A 25 12.79 10.55 -11.33
C ARG A 25 12.93 11.07 -9.91
N PRO A 26 12.52 10.31 -8.86
CA PRO A 26 12.82 10.69 -7.49
C PRO A 26 14.32 10.44 -7.23
N ASP A 27 14.85 11.07 -6.19
CA ASP A 27 16.35 11.08 -5.93
C ASP A 27 16.93 9.66 -5.82
N TYR A 28 16.18 8.75 -5.20
CA TYR A 28 16.64 7.38 -4.92
C TYR A 28 16.72 6.53 -6.18
N ALA A 29 16.06 6.94 -7.28
CA ALA A 29 16.05 6.21 -8.52
C ALA A 29 17.47 5.90 -9.03
N ASP A 30 18.38 6.83 -8.82
CA ASP A 30 19.73 6.77 -9.35
C ASP A 30 20.77 6.66 -8.22
N HIS A 31 20.33 6.34 -7.01
CA HIS A 31 21.24 6.06 -5.94
C HIS A 31 21.62 4.58 -5.98
N PRO A 32 22.91 4.22 -5.81
CA PRO A 32 23.32 2.83 -6.00
C PRO A 32 22.66 1.83 -5.03
N LEU A 33 22.28 2.26 -3.83
CA LEU A 33 21.58 1.44 -2.85
C LEU A 33 20.10 1.86 -2.75
N GLY A 34 19.70 2.77 -3.63
CA GLY A 34 18.31 3.27 -3.67
C GLY A 34 17.93 4.05 -2.43
N MET A 35 18.90 4.71 -1.78
CA MET A 35 18.60 5.54 -0.67
C MET A 35 18.17 6.91 -1.17
N SER A 36 17.37 7.60 -0.35
CA SER A 36 16.79 8.86 -0.70
C SER A 36 17.43 9.95 0.16
N GLU A 37 18.28 10.77 -0.45
CA GLU A 37 18.89 11.92 0.23
C GLU A 37 17.83 12.73 0.97
N SER A 38 16.76 13.08 0.25
CA SER A 38 15.75 13.97 0.80
C SER A 38 15.02 13.32 1.98
N GLU A 39 14.88 11.99 2.00
CA GLU A 39 14.27 11.33 3.17
C GLU A 39 15.28 11.36 4.33
N GLN A 40 16.56 11.21 3.98
CA GLN A 40 17.64 11.16 4.97
C GLN A 40 17.69 12.50 5.72
N ALA A 41 17.51 13.60 4.99
CA ALA A 41 17.65 14.94 5.54
C ALA A 41 16.48 15.25 6.49
N LEU A 42 15.41 14.45 6.44
CA LEU A 42 14.29 14.60 7.37
C LEU A 42 14.13 13.32 8.21
N LYS A 43 15.12 12.43 8.14
CA LYS A 43 15.12 11.20 8.94
C LYS A 43 14.96 11.56 10.42
N GLY A 44 13.97 10.97 11.09
CA GLY A 44 13.86 11.08 12.55
C GLY A 44 13.02 12.25 13.05
N THR A 45 12.58 13.16 12.17
CA THR A 45 11.65 14.24 12.55
C THR A 45 10.25 13.64 12.83
N SER A 46 9.41 14.36 13.59
CA SER A 46 7.98 13.98 13.70
C SER A 46 7.05 15.19 13.51
N GLN A 47 7.62 16.27 12.95
CA GLN A 47 6.91 17.42 12.43
C GLN A 47 6.17 17.02 11.15
N ILE A 48 4.88 17.39 11.07
CA ILE A 48 4.01 16.98 9.96
C ILE A 48 3.80 18.17 9.02
N LYS A 49 4.13 18.01 7.74
CA LYS A 49 3.92 19.04 6.76
C LYS A 49 2.45 19.43 6.74
N LEU A 50 2.23 20.75 6.65
CA LEU A 50 0.97 21.32 6.25
C LEU A 50 1.11 21.68 4.77
N LEU A 51 0.32 21.02 3.92
CA LEU A 51 0.46 21.17 2.49
C LEU A 51 -0.04 22.55 2.02
N SER A 52 0.74 23.15 1.12
CA SER A 52 0.33 24.32 0.35
C SER A 52 -0.74 23.94 -0.66
N SER A 53 -1.45 24.95 -1.16
CA SER A 53 -2.41 24.76 -2.22
C SER A 53 -1.75 24.08 -3.43
N GLU A 54 -0.50 24.44 -3.71
CA GLU A 54 0.25 23.83 -4.79
C GLU A 54 0.43 22.32 -4.48
N ASP A 55 0.71 22.02 -3.21
CA ASP A 55 0.95 20.65 -2.79
C ASP A 55 -0.30 19.80 -2.93
N ILE A 56 -1.42 20.35 -2.45
CA ILE A 56 -2.70 19.71 -2.53
C ILE A 56 -3.00 19.35 -3.99
N GLU A 57 -2.73 20.27 -4.92
CA GLU A 57 -3.00 19.99 -6.33
C GLU A 57 -2.10 18.85 -6.82
N GLY A 58 -0.84 18.89 -6.40
CA GLY A 58 0.11 17.88 -6.81
C GLY A 58 -0.30 16.51 -6.27
N MET A 59 -0.89 16.51 -5.07
CA MET A 59 -1.26 15.24 -4.43
C MET A 59 -2.56 14.70 -5.02
N ARG A 60 -3.51 15.59 -5.31
CA ARG A 60 -4.71 15.17 -6.04
C ARG A 60 -4.34 14.52 -7.37
N LEU A 61 -3.38 15.11 -8.09
CA LEU A 61 -3.07 14.62 -9.42
C LEU A 61 -2.44 13.22 -9.32
N VAL A 62 -1.39 13.11 -8.52
CA VAL A 62 -0.65 11.82 -8.51
C VAL A 62 -1.54 10.70 -7.95
N CYS A 63 -2.39 11.03 -6.97
CA CYS A 63 -3.28 10.06 -6.33
C CYS A 63 -4.35 9.59 -7.32
N ARG A 64 -4.82 10.50 -8.21
CA ARG A 64 -5.79 10.09 -9.22
C ARG A 64 -5.14 9.13 -10.24
N LEU A 65 -3.89 9.44 -10.62
CA LEU A 65 -3.17 8.65 -11.58
C LEU A 65 -2.85 7.29 -10.96
N ALA A 66 -2.52 7.28 -9.66
CA ALA A 66 -2.23 6.00 -8.98
C ALA A 66 -3.48 5.10 -9.04
N ARG A 67 -4.66 5.67 -8.80
CA ARG A 67 -5.89 4.96 -8.85
C ARG A 67 -6.06 4.40 -10.26
N GLU A 68 -5.79 5.20 -11.30
CA GLU A 68 -5.99 4.66 -12.63
C GLU A 68 -5.13 3.42 -12.86
N VAL A 69 -3.90 3.48 -12.36
CA VAL A 69 -2.96 2.33 -12.51
C VAL A 69 -3.42 1.13 -11.69
N LEU A 70 -3.92 1.33 -10.46
CA LEU A 70 -4.40 0.17 -9.72
CA LEU A 70 -4.42 0.17 -9.70
C LEU A 70 -5.52 -0.49 -10.52
N ASP A 71 -6.39 0.35 -11.08
CA ASP A 71 -7.54 -0.13 -11.87
C ASP A 71 -7.08 -0.95 -13.09
N VAL A 72 -5.95 -0.58 -13.71
CA VAL A 72 -5.38 -1.40 -14.75
C VAL A 72 -5.02 -2.78 -14.17
N ALA A 73 -4.30 -2.82 -13.05
CA ALA A 73 -3.91 -4.05 -12.47
C ALA A 73 -5.11 -4.93 -12.09
N ALA A 74 -6.14 -4.32 -11.51
CA ALA A 74 -7.36 -4.99 -11.09
C ALA A 74 -7.97 -5.77 -12.28
N GLY A 75 -7.90 -5.18 -13.47
CA GLY A 75 -8.44 -5.76 -14.68
C GLY A 75 -7.75 -7.02 -15.14
N MET A 76 -6.59 -7.33 -14.55
CA MET A 76 -5.78 -8.48 -14.96
C MET A 76 -5.81 -9.62 -13.94
N ILE A 77 -6.54 -9.48 -12.86
CA ILE A 77 -6.47 -10.50 -11.86
C ILE A 77 -7.33 -11.69 -12.31
N LYS A 78 -6.68 -12.79 -12.66
CA LYS A 78 -7.40 -14.01 -12.95
C LYS A 78 -6.42 -15.17 -12.82
N PRO A 79 -6.91 -16.42 -12.66
CA PRO A 79 -6.01 -17.56 -12.57
C PRO A 79 -5.09 -17.60 -13.79
N GLY A 80 -3.81 -17.85 -13.57
CA GLY A 80 -2.88 -18.08 -14.64
C GLY A 80 -1.97 -16.89 -14.90
N VAL A 81 -2.43 -15.66 -14.56
CA VAL A 81 -1.61 -14.45 -14.77
C VAL A 81 -0.51 -14.43 -13.71
N THR A 82 0.74 -14.15 -14.11
CA THR A 82 1.82 -14.07 -13.10
C THR A 82 1.85 -12.64 -12.52
N THR A 83 2.35 -12.54 -11.31
CA THR A 83 2.49 -11.18 -10.70
C THR A 83 3.50 -10.33 -11.48
N GLU A 84 4.50 -10.96 -12.13
CA GLU A 84 5.43 -10.24 -13.01
C GLU A 84 4.70 -9.60 -14.20
N GLU A 85 3.73 -10.31 -14.75
CA GLU A 85 2.88 -9.84 -15.84
C GLU A 85 2.07 -8.63 -15.38
N ILE A 86 1.58 -8.70 -14.15
CA ILE A 86 0.85 -7.54 -13.62
C ILE A 86 1.78 -6.36 -13.50
N ASP A 87 2.97 -6.61 -12.93
CA ASP A 87 3.91 -5.56 -12.73
C ASP A 87 4.33 -4.91 -14.07
N HIS A 88 4.48 -5.74 -15.11
CA HIS A 88 4.85 -5.22 -16.45
C HIS A 88 3.77 -4.24 -16.92
N ALA A 89 2.52 -4.63 -16.75
CA ALA A 89 1.40 -3.79 -17.21
C ALA A 89 1.36 -2.51 -16.38
N VAL A 90 1.62 -2.63 -15.06
CA VAL A 90 1.68 -1.46 -14.16
C VAL A 90 2.81 -0.53 -14.58
N HIS A 91 3.97 -1.10 -14.85
CA HIS A 91 5.11 -0.33 -15.28
C HIS A 91 4.79 0.56 -16.50
N LEU A 92 4.20 -0.06 -17.52
CA LEU A 92 3.82 0.65 -18.75
C LEU A 92 2.74 1.69 -18.49
N ALA A 93 1.79 1.41 -17.59
CA ALA A 93 0.70 2.32 -17.27
C ALA A 93 1.22 3.56 -16.53
N CYS A 94 2.21 3.36 -15.63
CA CYS A 94 2.91 4.45 -14.99
CA CYS A 94 2.87 4.50 -14.98
C CYS A 94 3.52 5.40 -16.05
N ILE A 95 4.27 4.79 -16.94
CA ILE A 95 5.00 5.56 -17.95
C ILE A 95 4.03 6.30 -18.89
N ALA A 96 2.94 5.62 -19.24
CA ALA A 96 1.92 6.18 -20.11
C ALA A 96 1.25 7.42 -19.49
N ARG A 97 1.31 7.55 -18.16
CA ARG A 97 0.81 8.70 -17.44
C ARG A 97 1.93 9.59 -16.95
N ASN A 98 3.14 9.43 -17.51
CA ASN A 98 4.29 10.39 -17.25
C ASN A 98 4.62 10.40 -15.75
N CYS A 99 4.54 9.20 -15.20
CA CYS A 99 4.89 8.99 -13.83
C CYS A 99 6.01 7.97 -13.74
N TYR A 100 6.79 8.10 -12.66
CA TYR A 100 7.76 7.12 -12.22
C TYR A 100 7.13 6.14 -11.20
N PRO A 101 7.33 4.81 -11.37
CA PRO A 101 6.82 3.83 -10.40
C PRO A 101 7.64 3.91 -9.11
N SER A 102 7.06 4.49 -8.06
CA SER A 102 7.78 4.82 -6.87
C SER A 102 8.57 3.64 -6.32
N PRO A 103 8.09 2.36 -6.33
CA PRO A 103 8.87 1.28 -5.69
C PRO A 103 10.21 0.98 -6.36
N LEU A 104 10.34 1.34 -7.64
CA LEU A 104 11.41 0.88 -8.46
C LEU A 104 12.73 1.49 -7.98
N ASN A 105 13.59 0.59 -7.48
CA ASN A 105 14.89 0.94 -6.86
C ASN A 105 14.74 1.69 -5.54
N TYR A 106 13.55 1.73 -4.95
CA TYR A 106 13.44 2.24 -3.61
C TYR A 106 14.17 1.26 -2.69
N TYR A 107 15.34 1.67 -2.17
CA TYR A 107 16.22 0.76 -1.42
C TYR A 107 16.42 -0.53 -2.18
N ASN A 108 16.57 -0.39 -3.51
CA ASN A 108 16.96 -1.47 -4.41
C ASN A 108 15.79 -2.43 -4.63
N PHE A 109 14.59 -2.05 -4.20
CA PHE A 109 13.39 -2.86 -4.53
C PHE A 109 13.38 -3.05 -6.04
N PRO A 110 13.24 -4.30 -6.55
CA PRO A 110 13.52 -4.59 -7.95
C PRO A 110 12.39 -4.36 -8.98
N LYS A 111 11.18 -4.05 -8.50
CA LYS A 111 9.98 -4.07 -9.36
C LYS A 111 9.24 -2.74 -9.19
N SER A 112 8.11 -2.59 -9.90
CA SER A 112 7.43 -1.32 -10.02
C SER A 112 6.11 -1.28 -9.23
N CYS A 113 5.79 -2.37 -8.51
CA CYS A 113 4.68 -2.40 -7.61
C CYS A 113 4.92 -3.54 -6.62
N CYS A 114 4.08 -3.65 -5.57
CA CYS A 114 4.16 -4.81 -4.67
C CYS A 114 2.92 -5.69 -4.88
N THR A 115 3.16 -6.98 -5.07
CA THR A 115 2.11 -8.00 -5.22
C THR A 115 2.22 -9.03 -4.09
N SER A 116 1.21 -9.07 -3.21
CA SER A 116 1.21 -9.81 -1.96
C SER A 116 0.11 -10.85 -2.00
N VAL A 117 0.53 -12.11 -2.03
CA VAL A 117 -0.39 -13.24 -2.17
C VAL A 117 -0.54 -13.95 -0.83
N ASN A 118 -1.79 -14.23 -0.46
CA ASN A 118 -2.13 -15.13 0.69
C ASN A 118 -1.42 -14.69 1.98
N GLU A 119 -0.40 -15.44 2.43
CA GLU A 119 0.26 -15.23 3.69
C GLU A 119 1.23 -14.04 3.59
N VAL A 120 1.48 -13.54 2.38
CA VAL A 120 2.24 -12.29 2.32
C VAL A 120 1.37 -11.16 2.91
N ILE A 121 2.00 -10.40 3.82
CA ILE A 121 1.41 -9.25 4.48
C ILE A 121 1.54 -8.02 3.59
N CYS A 122 2.75 -7.76 3.12
CA CYS A 122 2.99 -6.64 2.27
C CYS A 122 4.36 -6.81 1.60
N HIS A 123 4.63 -5.96 0.61
CA HIS A 123 5.91 -5.84 -0.06
C HIS A 123 6.36 -7.08 -0.82
N GLY A 124 5.42 -7.90 -1.29
CA GLY A 124 5.72 -8.98 -2.15
C GLY A 124 6.28 -8.48 -3.47
N ILE A 125 7.25 -9.25 -3.99
CA ILE A 125 8.00 -8.90 -5.19
C ILE A 125 7.38 -9.65 -6.35
N PRO A 126 6.83 -8.94 -7.36
CA PRO A 126 6.28 -9.61 -8.54
C PRO A 126 7.25 -10.64 -9.13
N ASP A 127 6.75 -11.84 -9.44
CA ASP A 127 7.64 -12.91 -9.90
C ASP A 127 6.91 -13.86 -10.86
N ARG A 128 7.52 -15.03 -11.16
CA ARG A 128 6.99 -15.86 -12.23
C ARG A 128 5.83 -16.74 -11.80
N ARG A 129 5.38 -16.64 -10.54
CA ARG A 129 4.28 -17.49 -10.10
C ARG A 129 2.96 -17.06 -10.73
N PRO A 130 2.26 -17.98 -11.41
CA PRO A 130 0.90 -17.69 -11.85
C PRO A 130 -0.05 -17.74 -10.65
N LEU A 131 -0.97 -16.80 -10.64
CA LEU A 131 -2.00 -16.81 -9.65
C LEU A 131 -2.84 -18.09 -9.82
N GLN A 132 -3.29 -18.62 -8.70
CA GLN A 132 -4.08 -19.81 -8.62
C GLN A 132 -5.50 -19.46 -8.18
N GLU A 133 -6.48 -20.20 -8.70
CA GLU A 133 -7.88 -20.07 -8.26
C GLU A 133 -7.88 -20.23 -6.74
N GLY A 134 -8.60 -19.36 -6.02
CA GLY A 134 -8.63 -19.44 -4.54
C GLY A 134 -7.68 -18.48 -3.84
N ASP A 135 -6.65 -18.01 -4.56
CA ASP A 135 -5.70 -17.03 -3.98
C ASP A 135 -6.43 -15.72 -3.66
N ILE A 136 -5.89 -14.98 -2.69
CA ILE A 136 -6.13 -13.57 -2.58
C ILE A 136 -4.81 -12.84 -2.89
N VAL A 137 -4.92 -11.71 -3.60
CA VAL A 137 -3.73 -10.94 -3.99
C VAL A 137 -4.02 -9.45 -3.81
N ASN A 138 -3.07 -8.81 -3.12
CA ASN A 138 -3.01 -7.39 -2.99
C ASN A 138 -1.99 -6.80 -3.99
N VAL A 139 -2.42 -5.76 -4.69
CA VAL A 139 -1.54 -4.97 -5.49
C VAL A 139 -1.48 -3.59 -4.87
N ASP A 140 -0.25 -3.17 -4.61
CA ASP A 140 0.02 -1.86 -3.94
C ASP A 140 0.79 -1.02 -4.95
N ILE A 141 0.17 0.09 -5.32
CA ILE A 141 0.59 1.01 -6.37
C ILE A 141 1.06 2.31 -5.70
N THR A 142 2.30 2.69 -5.97
CA THR A 142 2.78 4.03 -5.67
CA THR A 142 2.81 4.02 -5.65
C THR A 142 3.39 4.68 -6.91
N LEU A 143 2.94 5.90 -7.19
CA LEU A 143 3.41 6.67 -8.36
C LEU A 143 4.07 7.95 -7.87
N TYR A 144 4.95 8.49 -8.73
CA TYR A 144 5.64 9.72 -8.49
C TYR A 144 5.47 10.63 -9.71
N ARG A 145 4.91 11.81 -9.47
CA ARG A 145 4.68 12.78 -10.53
C ARG A 145 5.02 14.20 -10.01
N ASN A 146 5.93 14.89 -10.71
CA ASN A 146 6.14 16.33 -10.45
C ASN A 146 6.51 16.56 -8.98
N GLY A 147 7.27 15.62 -8.39
CA GLY A 147 7.72 15.82 -7.02
C GLY A 147 6.86 15.21 -5.92
N TYR A 148 5.73 14.57 -6.28
CA TYR A 148 4.80 14.04 -5.27
C TYR A 148 4.56 12.55 -5.49
N HIS A 149 4.41 11.82 -4.38
CA HIS A 149 4.02 10.37 -4.42
C HIS A 149 2.54 10.20 -4.02
N GLY A 150 1.86 9.22 -4.64
CA GLY A 150 0.58 8.80 -4.16
C GLY A 150 0.53 7.30 -4.02
N ASP A 151 -0.28 6.81 -3.08
CA ASP A 151 -0.12 5.42 -2.58
C ASP A 151 -1.49 4.79 -2.31
N LEU A 152 -1.80 3.64 -2.93
CA LEU A 152 -3.00 2.93 -2.55
C LEU A 152 -2.83 1.44 -2.82
N ASN A 153 -3.72 0.64 -2.24
CA ASN A 153 -3.72 -0.79 -2.53
C ASN A 153 -5.10 -1.35 -2.28
N GLU A 154 -5.37 -2.48 -2.93
CA GLU A 154 -6.61 -3.24 -2.71
C GLU A 154 -6.22 -4.72 -2.71
N THR A 155 -7.01 -5.54 -1.99
CA THR A 155 -6.88 -6.97 -2.11
C THR A 155 -7.98 -7.44 -3.08
N PHE A 156 -7.63 -8.42 -3.88
CA PHE A 156 -8.48 -9.00 -4.93
C PHE A 156 -8.61 -10.50 -4.73
N PHE A 157 -9.73 -11.05 -5.25
CA PHE A 157 -9.98 -12.48 -5.30
C PHE A 157 -9.56 -12.99 -6.68
N VAL A 158 -8.92 -14.16 -6.69
CA VAL A 158 -8.51 -14.84 -7.91
C VAL A 158 -9.51 -15.98 -8.13
N GLY A 159 -10.46 -15.77 -9.04
CA GLY A 159 -11.56 -16.69 -9.24
C GLY A 159 -12.39 -16.78 -7.98
N GLU A 160 -12.92 -17.98 -7.70
CA GLU A 160 -13.68 -18.25 -6.53
C GLU A 160 -12.74 -18.51 -5.36
N VAL A 161 -13.10 -17.94 -4.21
CA VAL A 161 -12.33 -18.06 -3.01
C VAL A 161 -13.24 -18.66 -1.96
N ASP A 162 -12.67 -19.11 -0.84
CA ASP A 162 -13.43 -19.73 0.25
C ASP A 162 -13.99 -18.67 1.19
N ASP A 163 -14.85 -19.09 2.12
CA ASP A 163 -15.61 -18.17 2.96
C ASP A 163 -14.68 -17.37 3.86
N GLY A 164 -13.59 -18.00 4.28
CA GLY A 164 -12.57 -17.36 5.12
C GLY A 164 -11.94 -16.18 4.39
N ALA A 165 -11.69 -16.36 3.08
CA ALA A 165 -11.11 -15.30 2.23
C ALA A 165 -12.09 -14.13 2.16
N ARG A 166 -13.38 -14.44 1.94
CA ARG A 166 -14.39 -13.41 1.78
C ARG A 166 -14.47 -12.60 3.07
N LYS A 167 -14.46 -13.27 4.23
CA LYS A 167 -14.62 -12.63 5.48
C LYS A 167 -13.39 -11.79 5.81
N LEU A 168 -12.18 -12.32 5.53
CA LEU A 168 -10.96 -11.64 5.85
C LEU A 168 -10.89 -10.32 5.06
N VAL A 169 -11.19 -10.41 3.78
CA VAL A 169 -11.03 -9.27 2.89
C VAL A 169 -12.13 -8.23 3.19
N GLN A 170 -13.37 -8.69 3.36
CA GLN A 170 -14.46 -7.76 3.73
C GLN A 170 -14.13 -7.08 5.05
N THR A 171 -13.73 -7.84 6.06
CA THR A 171 -13.46 -7.24 7.32
C THR A 171 -12.33 -6.21 7.22
N THR A 172 -11.27 -6.51 6.45
CA THR A 172 -10.13 -5.59 6.27
C THR A 172 -10.65 -4.27 5.66
N TYR A 173 -11.48 -4.37 4.63
CA TYR A 173 -12.00 -3.17 3.98
C TYR A 173 -12.82 -2.33 4.97
N GLU A 174 -13.70 -3.00 5.71
CA GLU A 174 -14.50 -2.38 6.78
C GLU A 174 -13.57 -1.66 7.76
N CYS A 175 -12.47 -2.31 8.17
CA CYS A 175 -11.54 -1.64 9.09
C CYS A 175 -10.99 -0.32 8.52
N LEU A 176 -10.57 -0.34 7.26
CA LEU A 176 -10.10 0.84 6.61
C LEU A 176 -11.20 1.91 6.60
N MET A 177 -12.40 1.56 6.19
CA MET A 177 -13.41 2.62 6.01
C MET A 177 -13.85 3.20 7.39
N GLN A 178 -13.89 2.35 8.42
CA GLN A 178 -14.20 2.83 9.77
C GLN A 178 -13.14 3.80 10.25
N ALA A 179 -11.86 3.51 9.98
CA ALA A 179 -10.77 4.42 10.33
C ALA A 179 -10.90 5.74 9.54
N ILE A 180 -11.11 5.64 8.22
CA ILE A 180 -11.28 6.82 7.41
C ILE A 180 -12.45 7.67 7.92
N ASP A 181 -13.54 7.02 8.30
CA ASP A 181 -14.76 7.76 8.73
C ASP A 181 -14.48 8.56 10.02
N ALA A 182 -13.42 8.22 10.77
CA ALA A 182 -13.07 8.99 12.02
C ALA A 182 -12.08 10.14 11.75
N VAL A 183 -11.59 10.31 10.52
CA VAL A 183 -10.54 11.24 10.27
C VAL A 183 -11.12 12.66 10.17
N LYS A 184 -10.54 13.58 10.93
CA LYS A 184 -10.94 15.00 10.85
C LYS A 184 -10.04 15.81 11.79
N PRO A 185 -9.98 17.15 11.64
CA PRO A 185 -9.14 17.96 12.53
C PRO A 185 -9.42 17.64 14.00
N GLY A 186 -8.33 17.51 14.78
CA GLY A 186 -8.37 17.36 16.24
C GLY A 186 -8.31 15.93 16.75
N VAL A 187 -8.36 14.95 15.84
CA VAL A 187 -8.30 13.55 16.26
C VAL A 187 -6.81 13.14 16.35
N ARG A 188 -6.49 12.37 17.38
CA ARG A 188 -5.14 11.86 17.58
C ARG A 188 -4.89 10.74 16.58
N TYR A 189 -3.68 10.72 16.02
CA TYR A 189 -3.33 9.65 15.03
C TYR A 189 -3.42 8.29 15.71
N ARG A 190 -3.15 8.23 17.03
CA ARG A 190 -3.11 6.97 17.71
C ARG A 190 -4.49 6.36 17.84
N GLU A 191 -5.55 7.15 17.63
CA GLU A 191 -6.91 6.64 17.80
C GLU A 191 -7.31 5.65 16.69
N LEU A 192 -6.76 5.83 15.50
CA LEU A 192 -7.22 4.99 14.34
C LEU A 192 -7.00 3.51 14.64
N GLY A 193 -5.86 3.17 15.25
CA GLY A 193 -5.56 1.77 15.65
C GLY A 193 -6.58 1.17 16.60
N ASN A 194 -7.05 1.97 17.57
CA ASN A 194 -8.16 1.52 18.41
C ASN A 194 -9.37 1.06 17.58
N ILE A 195 -9.78 1.86 16.58
CA ILE A 195 -10.95 1.56 15.80
C ILE A 195 -10.71 0.29 14.98
N ILE A 196 -9.53 0.24 14.35
CA ILE A 196 -9.20 -0.90 13.46
C ILE A 196 -9.18 -2.23 14.23
N GLN A 197 -8.41 -2.26 15.33
CA GLN A 197 -8.30 -3.51 16.11
C GLN A 197 -9.65 -3.98 16.66
N LYS A 198 -10.46 -3.04 17.14
CA LYS A 198 -11.82 -3.34 17.66
C LYS A 198 -12.61 -4.12 16.61
N HIS A 199 -12.59 -3.66 15.36
CA HIS A 199 -13.37 -4.34 14.34
C HIS A 199 -12.70 -5.67 13.95
N ALA A 200 -11.36 -5.67 13.83
CA ALA A 200 -10.65 -6.89 13.46
C ALA A 200 -10.92 -7.99 14.49
N GLN A 201 -10.75 -7.61 15.75
CA GLN A 201 -10.84 -8.57 16.87
C GLN A 201 -12.27 -9.11 16.96
N ALA A 202 -13.24 -8.22 16.73
CA ALA A 202 -14.64 -8.61 16.78
C ALA A 202 -14.92 -9.72 15.76
N ASN A 203 -14.07 -9.83 14.74
CA ASN A 203 -14.31 -10.76 13.64
C ASN A 203 -13.29 -11.89 13.69
N GLY A 204 -12.55 -12.01 14.80
CA GLY A 204 -11.66 -13.12 15.02
C GLY A 204 -10.32 -13.00 14.30
N PHE A 205 -9.92 -11.77 13.95
CA PHE A 205 -8.69 -11.49 13.19
C PHE A 205 -7.74 -10.65 14.04
N SER A 206 -6.44 -10.72 13.71
CA SER A 206 -5.40 -9.95 14.38
C SER A 206 -4.85 -8.88 13.44
N VAL A 207 -4.09 -7.94 14.01
CA VAL A 207 -3.65 -6.74 13.33
C VAL A 207 -2.12 -6.72 13.34
N VAL A 208 -1.52 -6.62 12.13
CA VAL A 208 -0.09 -6.54 11.98
C VAL A 208 0.45 -5.31 12.70
N ARG A 209 1.60 -5.48 13.37
CA ARG A 209 2.17 -4.44 14.22
C ARG A 209 3.39 -3.77 13.58
N SER A 210 4.14 -4.45 12.70
CA SER A 210 5.46 -4.02 12.32
C SER A 210 5.42 -3.00 11.18
N TYR A 211 4.25 -2.88 10.55
CA TYR A 211 4.03 -2.02 9.40
C TYR A 211 2.88 -1.06 9.75
N CYS A 212 3.01 0.19 9.30
CA CYS A 212 2.10 1.28 9.66
C CYS A 212 1.75 2.14 8.44
N GLY A 213 0.65 2.89 8.54
CA GLY A 213 0.38 3.94 7.59
C GLY A 213 1.37 5.07 7.85
N HIS A 214 1.42 6.04 6.95
CA HIS A 214 2.54 6.98 6.92
C HIS A 214 2.13 8.26 6.19
N GLY A 215 2.72 9.39 6.61
CA GLY A 215 2.72 10.54 5.79
C GLY A 215 3.33 10.26 4.43
N ILE A 216 2.87 11.02 3.45
CA ILE A 216 3.35 10.94 2.11
C ILE A 216 3.07 12.28 1.41
N HIS A 217 4.04 12.70 0.62
CA HIS A 217 3.90 13.81 -0.30
C HIS A 217 5.16 13.89 -1.16
N LYS A 218 6.08 14.84 -0.86
CA LYS A 218 7.34 14.91 -1.55
C LYS A 218 8.28 13.77 -1.15
N LEU A 219 8.02 13.20 0.03
CA LEU A 219 8.68 11.99 0.53
C LEU A 219 7.69 10.83 0.40
N LEU A 220 8.20 9.63 0.10
CA LEU A 220 7.36 8.45 -0.03
C LEU A 220 6.79 8.04 1.33
N HIS A 221 7.64 8.12 2.38
CA HIS A 221 7.17 7.95 3.74
CA HIS A 221 7.24 7.87 3.77
C HIS A 221 7.84 8.97 4.66
N THR A 222 7.02 9.55 5.54
CA THR A 222 7.45 10.56 6.49
C THR A 222 6.40 10.63 7.59
N ALA A 223 6.52 11.61 8.51
CA ALA A 223 5.57 11.73 9.60
C ALA A 223 4.22 12.13 9.00
N PRO A 224 3.13 11.63 9.56
CA PRO A 224 3.07 10.85 10.77
C PRO A 224 3.20 9.34 10.56
N ASN A 225 3.55 8.65 11.65
CA ASN A 225 3.53 7.23 11.71
C ASN A 225 2.14 6.84 12.22
N VAL A 226 1.47 5.91 11.51
CA VAL A 226 0.07 5.60 11.84
C VAL A 226 -0.10 4.10 12.05
N PRO A 227 0.08 3.58 13.28
CA PRO A 227 -0.20 2.18 13.60
C PRO A 227 -1.69 1.85 13.45
N HIS A 228 -1.97 0.57 13.19
CA HIS A 228 -3.31 0.07 12.98
C HIS A 228 -3.83 -0.73 14.17
N TYR A 229 -3.01 -0.90 15.23
CA TYR A 229 -3.38 -1.70 16.42
C TYR A 229 -3.69 -0.80 17.63
N ALA A 230 -4.42 -1.37 18.60
CA ALA A 230 -4.97 -0.62 19.76
C ALA A 230 -3.83 -0.20 20.69
N LYS A 231 -3.97 0.98 21.31
CA LYS A 231 -3.11 1.44 22.41
C LYS A 231 -1.67 1.51 21.95
N ASN A 232 -1.49 2.21 20.84
CA ASN A 232 -0.22 2.46 20.30
C ASN A 232 0.23 3.83 20.80
N LYS A 233 1.49 4.17 20.58
CA LYS A 233 2.09 5.37 21.15
CA LYS A 233 2.03 5.40 21.16
C LYS A 233 2.23 6.46 20.08
N ALA A 234 1.49 6.35 18.97
CA ALA A 234 1.70 7.27 17.88
C ALA A 234 1.46 8.70 18.39
N VAL A 235 2.33 9.58 17.88
CA VAL A 235 2.46 10.95 18.24
C VAL A 235 1.78 11.80 17.19
N GLY A 236 0.91 12.71 17.64
CA GLY A 236 0.48 13.81 16.81
C GLY A 236 -1.02 13.87 16.65
N VAL A 237 -1.49 15.01 16.13
CA VAL A 237 -2.90 15.30 16.08
C VAL A 237 -3.25 15.77 14.67
N MET A 238 -4.37 15.29 14.12
CA MET A 238 -4.78 15.59 12.76
C MET A 238 -5.18 17.07 12.65
N LYS A 239 -4.78 17.67 11.55
CA LYS A 239 -4.96 19.07 11.22
C LYS A 239 -5.22 19.17 9.72
N SER A 240 -6.17 20.04 9.34
CA SER A 240 -6.45 20.38 7.96
C SER A 240 -5.14 20.65 7.20
N GLY A 241 -4.94 19.94 6.07
CA GLY A 241 -3.71 20.03 5.28
C GLY A 241 -2.72 18.89 5.53
N HIS A 242 -2.99 18.04 6.52
CA HIS A 242 -2.21 16.83 6.71
C HIS A 242 -2.55 15.80 5.62
N VAL A 243 -1.52 15.10 5.11
CA VAL A 243 -1.76 13.97 4.17
C VAL A 243 -0.99 12.75 4.62
N PHE A 244 -1.71 11.61 4.67
CA PHE A 244 -1.14 10.38 5.16
C PHE A 244 -1.96 9.20 4.65
N THR A 245 -1.41 7.99 4.80
CA THR A 245 -2.15 6.77 4.43
C THR A 245 -2.73 6.11 5.67
N ILE A 246 -3.78 5.33 5.47
CA ILE A 246 -4.25 4.36 6.37
C ILE A 246 -4.29 3.06 5.59
N GLU A 247 -3.63 2.02 6.11
CA GLU A 247 -3.34 0.80 5.27
C GLU A 247 -3.33 -0.48 6.11
N PRO A 248 -4.43 -0.78 6.80
CA PRO A 248 -4.47 -1.91 7.72
C PRO A 248 -4.21 -3.26 7.07
N MET A 249 -3.32 -4.03 7.69
CA MET A 249 -3.00 -5.41 7.38
C MET A 249 -3.57 -6.28 8.51
N ILE A 250 -4.52 -7.14 8.16
CA ILE A 250 -5.31 -7.96 9.09
C ILE A 250 -5.01 -9.44 8.80
N CYS A 251 -5.01 -10.30 9.82
CA CYS A 251 -4.59 -11.68 9.61
C CYS A 251 -5.61 -12.67 10.20
N GLU A 252 -5.75 -13.80 9.52
CA GLU A 252 -6.59 -14.92 9.98
C GLU A 252 -6.09 -15.47 11.31
N GLY A 253 -4.76 -15.51 11.48
CA GLY A 253 -4.09 -16.14 12.59
C GLY A 253 -3.54 -15.08 13.50
N GLY A 254 -2.27 -15.24 13.90
CA GLY A 254 -1.55 -14.27 14.75
C GLY A 254 -1.01 -13.12 13.93
N TRP A 255 -0.63 -12.04 14.62
CA TRP A 255 -0.21 -10.79 14.00
C TRP A 255 1.28 -10.83 13.65
N GLN A 256 2.00 -11.83 14.16
CA GLN A 256 3.47 -11.82 14.03
C GLN A 256 3.88 -11.95 12.54
N ASP A 257 4.90 -11.21 12.17
CA ASP A 257 5.39 -11.16 10.80
C ASP A 257 6.87 -11.58 10.81
N GLU A 258 7.37 -12.03 9.64
CA GLU A 258 8.81 -12.11 9.41
C GLU A 258 9.08 -11.79 7.94
N THR A 259 10.36 -11.58 7.61
CA THR A 259 10.79 -11.21 6.24
C THR A 259 11.53 -12.38 5.56
N TRP A 260 11.19 -12.65 4.30
CA TRP A 260 11.90 -13.56 3.45
C TRP A 260 13.34 -13.12 3.27
N PRO A 261 14.25 -14.03 2.85
CA PRO A 261 15.63 -13.67 2.52
C PRO A 261 15.80 -12.60 1.44
N ASP A 262 14.74 -12.34 0.66
CA ASP A 262 14.82 -11.28 -0.32
C ASP A 262 14.93 -9.91 0.36
N GLY A 263 14.63 -9.82 1.66
CA GLY A 263 14.72 -8.61 2.40
C GLY A 263 13.50 -7.72 2.34
N TRP A 264 12.46 -8.16 1.61
CA TRP A 264 11.22 -7.35 1.35
C TRP A 264 9.96 -8.07 1.78
N THR A 265 9.82 -9.34 1.36
CA THR A 265 8.56 -9.97 1.46
C THR A 265 8.26 -10.24 2.95
N ALA A 266 7.18 -9.62 3.45
CA ALA A 266 6.75 -9.78 4.79
C ALA A 266 5.65 -10.85 4.80
N VAL A 267 5.78 -11.86 5.68
CA VAL A 267 4.82 -12.91 5.73
C VAL A 267 4.37 -13.15 7.20
N THR A 268 3.18 -13.73 7.31
CA THR A 268 2.73 -14.23 8.66
C THR A 268 3.72 -15.32 9.08
N ARG A 269 4.13 -15.25 10.35
CA ARG A 269 4.98 -16.31 10.88
C ARG A 269 4.24 -17.65 10.91
N ASP A 270 2.90 -17.62 11.01
CA ASP A 270 2.10 -18.84 11.05
C ASP A 270 1.62 -19.32 9.68
N GLY A 271 1.84 -18.58 8.58
CA GLY A 271 1.45 -19.09 7.32
C GLY A 271 -0.01 -18.87 6.94
N LYS A 272 -0.79 -18.24 7.81
CA LYS A 272 -2.19 -17.94 7.54
C LYS A 272 -2.29 -16.61 6.76
N ARG A 273 -3.46 -16.38 6.19
CA ARG A 273 -3.62 -15.30 5.21
C ARG A 273 -3.71 -13.96 5.92
N SER A 274 -3.31 -12.94 5.17
CA SER A 274 -3.37 -11.57 5.56
C SER A 274 -3.89 -10.74 4.38
N ALA A 275 -4.72 -9.75 4.65
CA ALA A 275 -5.27 -8.89 3.62
C ALA A 275 -5.06 -7.44 4.04
N GLN A 276 -5.11 -6.56 3.03
CA GLN A 276 -4.79 -5.14 3.21
C GLN A 276 -5.62 -4.31 2.25
N PHE A 277 -5.97 -3.09 2.71
CA PHE A 277 -6.46 -2.03 1.85
C PHE A 277 -5.75 -0.74 2.27
N GLU A 278 -5.61 0.17 1.31
CA GLU A 278 -4.93 1.43 1.56
C GLU A 278 -5.54 2.56 0.73
N HIS A 279 -5.69 3.73 1.37
CA HIS A 279 -5.94 5.00 0.73
C HIS A 279 -4.95 6.04 1.24
N THR A 280 -4.72 7.05 0.39
CA THR A 280 -4.01 8.28 0.79
C THR A 280 -5.11 9.30 1.13
N LEU A 281 -4.98 9.97 2.28
CA LEU A 281 -6.04 10.87 2.76
C LEU A 281 -5.47 12.27 2.95
N LEU A 282 -6.34 13.27 2.69
CA LEU A 282 -6.05 14.68 2.99
C LEU A 282 -7.11 15.16 3.99
N VAL A 283 -6.64 15.56 5.15
CA VAL A 283 -7.48 16.14 6.20
C VAL A 283 -7.97 17.53 5.74
N THR A 284 -9.30 17.68 5.73
CA THR A 284 -10.01 18.95 5.45
C THR A 284 -10.83 19.32 6.69
N ASP A 285 -11.61 20.40 6.64
CA ASP A 285 -12.29 20.89 7.84
C ASP A 285 -13.54 20.07 8.18
N THR A 286 -14.23 19.56 7.15
CA THR A 286 -15.37 18.66 7.40
C THR A 286 -14.92 17.19 7.65
N GLY A 287 -13.64 16.87 7.45
CA GLY A 287 -13.17 15.53 7.61
C GLY A 287 -11.94 15.25 6.77
N CYS A 288 -12.10 14.47 5.70
CA CYS A 288 -10.95 14.18 4.81
C CYS A 288 -11.44 13.91 3.40
N GLU A 289 -10.50 14.07 2.49
CA GLU A 289 -10.64 13.83 1.09
C GLU A 289 -9.91 12.50 0.84
N ILE A 290 -10.60 11.52 0.25
CA ILE A 290 -9.92 10.27 -0.09
C ILE A 290 -9.30 10.43 -1.48
N LEU A 291 -8.00 10.76 -1.52
CA LEU A 291 -7.34 11.24 -2.75
C LEU A 291 -7.26 10.11 -3.76
N THR A 292 -7.21 8.86 -3.26
CA THR A 292 -7.04 7.64 -4.07
C THR A 292 -8.37 6.94 -4.35
N ARG A 293 -9.50 7.62 -4.10
CA ARG A 293 -10.78 7.00 -4.25
C ARG A 293 -11.02 6.60 -5.71
N ARG A 294 -11.80 5.53 -5.89
CA ARG A 294 -12.49 5.27 -7.17
C ARG A 294 -13.40 6.43 -7.53
N LEU A 295 -13.40 6.83 -8.81
CA LEU A 295 -14.19 7.98 -9.26
C LEU A 295 -15.47 7.48 -9.96
N ASP A 296 -15.41 6.27 -10.50
CA ASP A 296 -16.43 5.75 -11.41
C ASP A 296 -17.10 4.51 -10.80
N SER A 297 -16.94 4.29 -9.49
CA SER A 297 -17.67 3.20 -8.80
C SER A 297 -17.59 3.42 -7.29
N ALA A 298 -18.71 3.09 -6.65
CA ALA A 298 -18.92 3.33 -5.22
C ALA A 298 -18.04 2.39 -4.38
N ARG A 299 -17.57 1.31 -4.98
CA ARG A 299 -17.08 0.15 -4.23
C ARG A 299 -15.71 -0.31 -4.73
N PRO A 300 -14.93 -0.99 -3.88
CA PRO A 300 -13.66 -1.57 -4.31
C PRO A 300 -13.88 -2.79 -5.23
N HIS A 301 -12.82 -3.20 -5.89
CA HIS A 301 -12.96 -4.18 -6.96
C HIS A 301 -13.53 -5.51 -6.47
N PHE A 302 -13.19 -5.91 -5.23
CA PHE A 302 -13.52 -7.23 -4.78
C PHE A 302 -15.04 -7.42 -4.63
N MET A 303 -15.79 -6.34 -4.52
CA MET A 303 -17.24 -6.39 -4.36
CA MET A 303 -17.25 -6.37 -4.35
C MET A 303 -17.97 -6.61 -5.70
N SER A 304 -17.23 -6.75 -6.82
CA SER A 304 -17.84 -6.91 -8.18
C SER A 304 -18.72 -8.17 -8.30
CO CO B . 1.46 3.26 2.11
CO CO C . 1.14 1.38 -0.34
NA NA D . -1.79 -11.43 1.87
C1 TN4 E . 5.09 0.33 2.89
C2 TN4 E . 6.30 0.85 3.74
C3 TN4 E . 5.78 1.78 4.86
C4 TN4 E . 4.85 1.04 5.79
C5 TN4 E . 3.71 0.33 5.07
C6 TN4 E . 4.18 -0.46 3.84
C11 TN4 E . 5.52 -0.65 1.84
O11 TN4 E . 4.39 1.45 2.28
C21 TN4 E . 7.43 1.73 3.19
C22 TN4 E . 8.21 0.86 2.20
C23 TN4 E . 8.99 0.99 0.89
C24 TN4 E . 8.00 1.04 -0.29
C25 TN4 E . 8.01 0.23 -1.37
C2A TN4 E . 7.04 2.94 2.28
O2A TN4 E . 8.79 1.34 3.35
C2B TN4 E . 6.92 0.41 -2.37
C2C TN4 E . 8.98 -0.85 -1.61
C31 TN4 E . 6.52 3.54 6.31
O31 TN4 E . 6.91 2.36 5.58
C41 TN4 E . 6.31 0.36 7.69
O41 TN4 E . 5.65 0.07 6.45
N42 TN4 E . 7.44 -0.34 7.93
O4A TN4 E . 5.77 1.17 8.41
#